data_3QB2
#
_entry.id   3QB2
#
_cell.length_a   108.032
_cell.length_b   108.032
_cell.length_c   147.047
_cell.angle_alpha   90.00
_cell.angle_beta   90.00
_cell.angle_gamma   120.00
#
_symmetry.space_group_name_H-M   'P 31 2 1'
#
loop_
_entity.id
_entity.type
_entity.pdbx_description
1 polymer 'Immunity factor for SPN'
2 non-polymer 'SULFATE ION'
3 water water
#
_entity_poly.entity_id   1
_entity_poly.type   'polypeptide(L)'
_entity_poly.pdbx_seq_one_letter_code
;(MSE)YKVPKGLEHYQK(MSE)FQKEVTVNDLKKYLIGSDKEYRITRRDSY(MSE)GDISDPEVILEYGVYPAFIKGYTQ
LKANIEEALLE(MSE)SNSGQALDIYQAVQTLNAEN(MSE)LLNYYESLPFYLNRQSILANITKALKDAHIREA(MSE)A
HYKLGEFAHYQDT(MSE)LD(MSE)VERTIETFFRSFLEQKLISEEDLNSAVDHHHHHH
;
_entity_poly.pdbx_strand_id   A,B,C,D
#
# COMPACT_ATOMS: atom_id res chain seq x y z
N TYR A 2 -2.37 28.06 -7.58
CA TYR A 2 -3.40 27.49 -8.44
C TYR A 2 -2.74 26.71 -9.57
N LYS A 3 -3.24 25.51 -9.84
CA LYS A 3 -2.84 24.72 -11.01
C LYS A 3 -4.12 24.29 -11.73
N VAL A 4 -4.10 24.28 -13.06
CA VAL A 4 -5.27 23.88 -13.84
C VAL A 4 -5.50 22.41 -13.57
N PRO A 5 -6.71 22.03 -13.15
CA PRO A 5 -7.00 20.62 -12.87
C PRO A 5 -6.85 19.68 -14.09
N LYS A 6 -6.58 18.42 -13.80
CA LYS A 6 -6.44 17.40 -14.83
C LYS A 6 -7.72 17.26 -15.68
N GLY A 7 -7.54 17.31 -17.00
CA GLY A 7 -8.62 17.14 -17.99
C GLY A 7 -9.14 15.72 -18.09
N LEU A 8 -10.27 15.55 -18.78
CA LEU A 8 -10.83 14.22 -19.07
C LEU A 8 -9.85 13.47 -19.97
N GLU A 9 -9.25 14.21 -20.89
CA GLU A 9 -8.26 13.66 -21.81
C GLU A 9 -7.03 13.12 -21.08
N HIS A 10 -6.72 13.68 -19.91
CA HIS A 10 -5.61 13.21 -19.10
C HIS A 10 -5.81 11.76 -18.67
N TYR A 11 -7.02 11.42 -18.23
CA TYR A 11 -7.37 10.06 -17.82
C TYR A 11 -7.51 9.13 -19.02
N GLN A 12 -8.03 9.66 -20.13
CA GLN A 12 -8.16 8.88 -21.34
C GLN A 12 -6.80 8.33 -21.80
N LYS A 13 -5.74 9.14 -21.66
CA LYS A 13 -4.40 8.71 -22.09
C LYS A 13 -3.92 7.54 -21.24
N PHE A 15 -5.97 5.20 -19.75
CA PHE A 15 -6.88 4.06 -19.77
C PHE A 15 -7.30 3.56 -21.16
N GLN A 16 -7.14 4.36 -22.21
CA GLN A 16 -7.38 3.90 -23.59
C GLN A 16 -6.08 3.40 -24.23
N LYS A 17 -5.56 2.30 -23.67
CA LYS A 17 -4.37 1.62 -24.17
C LYS A 17 -4.29 0.29 -23.42
N GLU A 18 -3.23 -0.49 -23.65
CA GLU A 18 -3.05 -1.73 -22.86
C GLU A 18 -2.99 -1.34 -21.38
N VAL A 19 -3.78 -2.02 -20.55
CA VAL A 19 -3.75 -1.83 -19.12
C VAL A 19 -3.83 -3.22 -18.51
N THR A 20 -2.85 -3.56 -17.68
CA THR A 20 -2.73 -4.90 -17.14
C THR A 20 -3.34 -4.96 -15.74
N VAL A 21 -3.45 -6.18 -15.23
CA VAL A 21 -3.94 -6.41 -13.89
C VAL A 21 -3.07 -5.61 -12.93
N ASN A 22 -1.76 -5.81 -13.03
CA ASN A 22 -0.81 -5.10 -12.18
C ASN A 22 -0.89 -3.59 -12.25
N ASP A 23 -1.10 -3.02 -13.44
CA ASP A 23 -1.34 -1.57 -13.54
C ASP A 23 -2.57 -1.18 -12.70
N LEU A 24 -3.63 -1.95 -12.82
CA LEU A 24 -4.86 -1.66 -12.12
C LEU A 24 -4.66 -1.74 -10.61
N LYS A 25 -3.93 -2.74 -10.12
CA LYS A 25 -3.57 -2.76 -8.69
C LYS A 25 -2.86 -1.47 -8.31
N LYS A 26 -1.86 -1.07 -9.09
CA LYS A 26 -1.12 0.13 -8.74
C LYS A 26 -1.96 1.40 -8.80
N TYR A 27 -2.92 1.48 -9.70
CA TYR A 27 -3.83 2.63 -9.76
C TYR A 27 -4.78 2.68 -8.56
N LEU A 28 -5.29 1.53 -8.17
CA LEU A 28 -6.32 1.47 -7.13
C LEU A 28 -5.76 1.76 -5.75
N ILE A 29 -4.54 1.31 -5.48
CA ILE A 29 -3.83 1.65 -4.25
C ILE A 29 -3.25 3.06 -4.39
N GLY A 30 -2.46 3.30 -5.43
CA GLY A 30 -1.88 4.62 -5.68
C GLY A 30 -0.80 5.08 -4.70
N SER A 31 -0.14 4.14 -4.02
CA SER A 31 1.01 4.52 -3.17
C SER A 31 2.18 5.03 -4.05
N ASP A 32 2.35 4.42 -5.21
CA ASP A 32 3.30 4.91 -6.21
C ASP A 32 2.71 6.15 -6.90
N LYS A 33 3.37 7.29 -6.74
CA LYS A 33 2.88 8.58 -7.25
C LYS A 33 2.55 8.60 -8.75
N GLU A 34 3.22 7.77 -9.53
CA GLU A 34 2.98 7.68 -10.97
C GLU A 34 1.62 7.05 -11.31
N TYR A 35 1.06 6.30 -10.35
CA TYR A 35 -0.24 5.65 -10.52
C TYR A 35 -1.24 6.16 -9.51
N ARG A 36 -1.13 7.41 -9.11
CA ARG A 36 -1.93 7.94 -8.02
C ARG A 36 -3.00 8.91 -8.53
N ILE A 37 -4.27 8.51 -8.42
CA ILE A 37 -5.40 9.29 -8.89
C ILE A 37 -6.33 9.69 -7.73
N THR A 38 -6.48 11.01 -7.51
CA THR A 38 -7.25 11.52 -6.36
C THR A 38 -8.14 12.71 -6.68
N ARG A 39 -9.08 12.98 -5.78
CA ARG A 39 -9.86 14.21 -5.80
C ARG A 39 -9.14 15.28 -4.96
N ARG A 40 -9.36 16.53 -5.29
CA ARG A 40 -8.78 17.66 -4.57
C ARG A 40 -9.03 17.54 -3.07
N ASP A 41 -10.28 17.38 -2.71
CA ASP A 41 -10.66 17.19 -1.32
C ASP A 41 -10.78 15.70 -1.09
N SER A 42 -9.76 15.09 -0.50
CA SER A 42 -9.88 13.67 -0.19
C SER A 42 -8.99 13.25 0.96
N TYR A 43 -9.59 12.41 1.81
CA TYR A 43 -8.90 11.77 2.90
C TYR A 43 -7.72 10.96 2.36
N GLY A 45 -4.25 11.85 1.00
CA GLY A 45 -3.79 12.27 -0.33
C GLY A 45 -2.65 11.45 -0.92
N ASP A 46 -1.98 10.68 -0.08
CA ASP A 46 -0.90 9.81 -0.53
C ASP A 46 -1.42 8.51 -1.13
N ILE A 47 -2.73 8.36 -1.19
CA ILE A 47 -3.39 7.15 -1.72
C ILE A 47 -4.46 7.57 -2.74
N SER A 48 -4.82 6.69 -3.67
CA SER A 48 -5.78 7.08 -4.70
C SER A 48 -7.23 6.90 -4.26
N ASP A 49 -8.12 7.59 -5.00
CA ASP A 49 -9.57 7.56 -4.78
C ASP A 49 -10.27 6.73 -5.86
N PRO A 50 -10.66 5.48 -5.55
CA PRO A 50 -11.29 4.62 -6.54
C PRO A 50 -12.48 5.23 -7.28
N GLU A 51 -13.23 6.12 -6.62
CA GLU A 51 -14.38 6.71 -7.27
C GLU A 51 -13.94 7.53 -8.47
N VAL A 52 -12.88 8.34 -8.34
CA VAL A 52 -12.33 9.09 -9.49
C VAL A 52 -11.82 8.14 -10.56
N ILE A 53 -11.24 7.02 -10.18
CA ILE A 53 -10.71 6.05 -11.15
C ILE A 53 -11.86 5.48 -12.01
N LEU A 54 -12.94 5.08 -11.35
CA LEU A 54 -14.10 4.50 -12.03
C LEU A 54 -14.79 5.53 -12.91
N GLU A 55 -15.14 6.65 -12.31
CA GLU A 55 -16.00 7.65 -12.93
C GLU A 55 -15.32 8.37 -14.09
N TYR A 56 -14.02 8.62 -13.97
CA TYR A 56 -13.31 9.43 -14.94
C TYR A 56 -12.31 8.66 -15.76
N GLY A 57 -12.00 7.43 -15.35
CA GLY A 57 -11.01 6.62 -16.06
C GLY A 57 -11.58 5.37 -16.69
N VAL A 58 -11.88 4.39 -15.86
CA VAL A 58 -12.30 3.08 -16.33
C VAL A 58 -13.62 3.09 -17.12
N TYR A 59 -14.66 3.73 -16.59
CA TYR A 59 -15.98 3.68 -17.25
C TYR A 59 -15.99 4.37 -18.64
N PRO A 60 -15.34 5.55 -18.77
CA PRO A 60 -15.21 6.16 -20.12
C PRO A 60 -14.41 5.30 -21.10
N ALA A 61 -13.35 4.67 -20.63
CA ALA A 61 -12.51 3.81 -21.46
C ALA A 61 -13.26 2.54 -21.91
N PHE A 62 -13.99 1.94 -20.98
CA PHE A 62 -14.81 0.78 -21.30
C PHE A 62 -15.84 1.11 -22.38
N ILE A 63 -16.48 2.27 -22.29
CA ILE A 63 -17.52 2.65 -23.25
C ILE A 63 -16.88 2.83 -24.63
N LYS A 64 -15.69 3.44 -24.64
CA LYS A 64 -14.92 3.61 -25.88
C LYS A 64 -14.59 2.28 -26.56
N GLY A 65 -14.53 1.19 -25.80
CA GLY A 65 -14.30 -0.14 -26.37
C GLY A 65 -13.24 -0.98 -25.67
N TYR A 66 -12.63 -0.44 -24.61
CA TYR A 66 -11.58 -1.17 -23.88
C TYR A 66 -12.21 -2.05 -22.80
N THR A 67 -12.96 -3.05 -23.23
CA THR A 67 -13.86 -3.77 -22.31
C THR A 67 -13.17 -4.89 -21.52
N GLN A 68 -11.90 -5.16 -21.83
CA GLN A 68 -11.09 -6.03 -20.99
C GLN A 68 -10.85 -5.44 -19.60
N LEU A 69 -11.05 -4.15 -19.42
CA LEU A 69 -10.93 -3.51 -18.10
C LEU A 69 -11.81 -4.16 -17.04
N LYS A 70 -12.96 -4.73 -17.43
CA LYS A 70 -13.87 -5.31 -16.46
C LYS A 70 -13.24 -6.51 -15.77
N ALA A 71 -12.87 -7.50 -16.54
CA ALA A 71 -12.27 -8.72 -15.98
C ALA A 71 -10.93 -8.45 -15.31
N ASN A 72 -10.15 -7.55 -15.88
CA ASN A 72 -8.86 -7.22 -15.30
C ASN A 72 -8.96 -6.49 -13.96
N ILE A 73 -9.90 -5.54 -13.84
CA ILE A 73 -10.10 -4.86 -12.54
C ILE A 73 -10.68 -5.83 -11.51
N GLU A 74 -11.51 -6.77 -11.97
CA GLU A 74 -11.98 -7.86 -11.10
C GLU A 74 -10.84 -8.68 -10.52
N GLU A 75 -9.91 -9.07 -11.38
CA GLU A 75 -8.76 -9.87 -10.98
C GLU A 75 -7.91 -9.06 -10.02
N ALA A 76 -7.71 -7.79 -10.37
CA ALA A 76 -6.98 -6.84 -9.54
C ALA A 76 -7.59 -6.76 -8.16
N LEU A 77 -8.91 -6.63 -8.08
CA LEU A 77 -9.59 -6.56 -6.78
C LEU A 77 -9.52 -7.90 -6.06
N LEU A 78 -9.56 -9.00 -6.81
CA LEU A 78 -9.41 -10.35 -6.24
C LEU A 78 -8.06 -10.47 -5.50
N GLU A 79 -6.99 -10.01 -6.15
CA GLU A 79 -5.64 -10.14 -5.59
C GLU A 79 -5.44 -9.18 -4.43
N SER A 81 -7.76 -8.12 -2.40
CA SER A 81 -8.58 -8.54 -1.28
C SER A 81 -8.06 -9.80 -0.61
N ASN A 82 -7.19 -10.55 -1.28
CA ASN A 82 -6.65 -11.79 -0.70
C ASN A 82 -5.15 -11.68 -0.31
N SER A 83 -4.66 -10.45 -0.15
CA SER A 83 -3.25 -10.15 0.00
C SER A 83 -2.78 -10.14 1.45
N GLY A 84 -3.70 -10.09 2.39
CA GLY A 84 -3.37 -9.96 3.80
C GLY A 84 -2.84 -8.59 4.19
N GLN A 85 -2.82 -7.63 3.25
CA GLN A 85 -2.29 -6.30 3.52
C GLN A 85 -3.45 -5.32 3.69
N ALA A 86 -3.51 -4.70 4.88
CA ALA A 86 -4.66 -3.93 5.29
C ALA A 86 -5.06 -2.90 4.24
N LEU A 87 -4.10 -2.13 3.79
CA LEU A 87 -4.33 -1.02 2.86
C LEU A 87 -4.89 -1.51 1.53
N ASP A 88 -4.43 -2.67 1.07
CA ASP A 88 -4.91 -3.26 -0.18
C ASP A 88 -6.38 -3.74 -0.02
N ILE A 89 -6.69 -4.27 1.16
CA ILE A 89 -8.03 -4.74 1.46
C ILE A 89 -8.94 -3.51 1.57
N TYR A 90 -8.44 -2.44 2.18
CA TYR A 90 -9.23 -1.23 2.35
C TYR A 90 -9.64 -0.59 1.01
N GLN A 91 -8.68 -0.51 0.08
CA GLN A 91 -8.93 0.08 -1.25
C GLN A 91 -9.85 -0.79 -2.10
N ALA A 92 -9.82 -2.11 -1.89
CA ALA A 92 -10.79 -3.03 -2.47
C ALA A 92 -12.21 -2.77 -1.95
N VAL A 93 -12.35 -2.59 -0.63
CA VAL A 93 -13.64 -2.26 -0.05
C VAL A 93 -14.07 -0.89 -0.58
N GLN A 94 -13.12 0.02 -0.66
CA GLN A 94 -13.45 1.38 -1.08
C GLN A 94 -13.88 1.42 -2.58
N THR A 95 -13.40 0.46 -3.37
CA THR A 95 -13.76 0.37 -4.77
C THR A 95 -15.16 -0.20 -4.90
N LEU A 96 -15.48 -1.20 -4.08
CA LEU A 96 -16.85 -1.73 -4.04
C LEU A 96 -17.85 -0.67 -3.59
N ASN A 97 -17.46 0.15 -2.61
CA ASN A 97 -18.30 1.24 -2.11
C ASN A 97 -18.53 2.28 -3.16
N ALA A 98 -17.48 2.59 -3.92
CA ALA A 98 -17.57 3.59 -5.00
C ALA A 98 -18.56 3.17 -6.09
N GLU A 99 -18.54 1.90 -6.48
CA GLU A 99 -19.46 1.40 -7.50
C GLU A 99 -20.90 1.64 -7.02
N ASN A 100 -21.18 1.18 -5.81
CA ASN A 100 -22.50 1.37 -5.18
C ASN A 100 -22.95 2.81 -5.22
N LEU A 102 -21.97 5.28 -7.06
CA LEU A 102 -22.11 5.75 -8.43
C LEU A 102 -23.36 5.14 -9.07
N LEU A 103 -23.61 3.87 -8.76
CA LEU A 103 -24.83 3.19 -9.22
C LEU A 103 -26.04 3.98 -8.72
N ASN A 104 -25.99 4.38 -7.47
CA ASN A 104 -27.11 5.08 -6.88
C ASN A 104 -27.34 6.45 -7.49
N TYR A 105 -26.29 7.12 -7.96
CA TYR A 105 -26.50 8.43 -8.56
C TYR A 105 -26.93 8.33 -10.03
N TYR A 106 -26.24 7.46 -10.77
CA TYR A 106 -26.45 7.39 -12.23
C TYR A 106 -27.61 6.48 -12.61
N GLU A 107 -27.99 5.59 -11.70
CA GLU A 107 -29.07 4.59 -11.91
C GLU A 107 -28.72 3.47 -12.90
N SER A 108 -27.59 3.57 -13.59
CA SER A 108 -27.04 2.43 -14.31
C SER A 108 -25.56 2.65 -14.41
N LEU A 109 -24.82 1.62 -14.74
CA LEU A 109 -23.39 1.72 -14.99
C LEU A 109 -23.09 0.90 -16.24
N PRO A 110 -21.98 1.21 -16.94
CA PRO A 110 -21.64 0.42 -18.13
C PRO A 110 -21.36 -1.05 -17.87
N PHE A 111 -20.84 -1.38 -16.70
CA PHE A 111 -20.73 -2.78 -16.32
C PHE A 111 -20.78 -2.90 -14.82
N TYR A 112 -21.02 -4.11 -14.32
CA TYR A 112 -21.17 -4.42 -12.91
C TYR A 112 -20.07 -5.38 -12.53
N LEU A 113 -19.37 -5.09 -11.46
CA LEU A 113 -18.32 -5.97 -10.97
C LEU A 113 -18.92 -7.26 -10.41
N ASN A 114 -18.32 -8.41 -10.71
CA ASN A 114 -18.65 -9.64 -9.97
C ASN A 114 -17.98 -9.53 -8.61
N ARG A 115 -18.76 -9.42 -7.54
CA ARG A 115 -18.19 -9.06 -6.23
C ARG A 115 -18.15 -10.17 -5.19
N GLN A 116 -18.67 -11.36 -5.50
CA GLN A 116 -18.84 -12.39 -4.48
C GLN A 116 -17.51 -12.88 -3.94
N SER A 117 -16.62 -13.35 -4.81
CA SER A 117 -15.28 -13.80 -4.37
C SER A 117 -14.52 -12.73 -3.58
N ILE A 118 -14.59 -11.49 -4.06
CA ILE A 118 -13.94 -10.36 -3.40
C ILE A 118 -14.55 -10.16 -2.01
N LEU A 119 -15.88 -10.17 -1.95
CA LEU A 119 -16.59 -10.05 -0.69
C LEU A 119 -16.21 -11.18 0.28
N ALA A 120 -16.15 -12.39 -0.25
CA ALA A 120 -15.71 -13.56 0.52
C ALA A 120 -14.28 -13.37 1.08
N ASN A 121 -13.38 -12.82 0.26
CA ASN A 121 -12.01 -12.57 0.72
C ASN A 121 -11.93 -11.50 1.83
N ILE A 122 -12.73 -10.45 1.70
CA ILE A 122 -12.80 -9.41 2.69
C ILE A 122 -13.29 -9.95 4.05
N THR A 123 -14.37 -10.72 4.05
CA THR A 123 -14.84 -11.32 5.31
C THR A 123 -13.78 -12.21 5.95
N LYS A 124 -13.08 -13.02 5.17
CA LYS A 124 -11.95 -13.80 5.69
C LYS A 124 -10.94 -12.88 6.36
N ALA A 125 -10.62 -11.76 5.72
CA ALA A 125 -9.64 -10.83 6.29
C ALA A 125 -10.17 -10.19 7.57
N LEU A 126 -11.48 -9.99 7.65
CA LEU A 126 -12.06 -9.36 8.83
C LEU A 126 -11.91 -10.22 10.09
N LYS A 127 -11.74 -11.53 9.93
CA LYS A 127 -11.50 -12.42 11.06
C LYS A 127 -10.18 -12.14 11.80
N ASP A 128 -9.24 -11.49 11.11
CA ASP A 128 -7.96 -11.14 11.67
C ASP A 128 -8.00 -9.79 12.39
N ALA A 129 -7.53 -9.78 13.63
CA ALA A 129 -7.66 -8.62 14.50
C ALA A 129 -6.97 -7.40 13.93
N HIS A 130 -5.69 -7.56 13.59
CA HIS A 130 -4.90 -6.48 13.02
C HIS A 130 -5.53 -5.87 11.77
N ILE A 131 -6.09 -6.72 10.91
CA ILE A 131 -6.69 -6.22 9.67
C ILE A 131 -7.96 -5.39 9.96
N ARG A 132 -8.88 -5.94 10.73
CA ARG A 132 -10.11 -5.23 11.02
C ARG A 132 -9.87 -3.96 11.84
N GLU A 133 -8.87 -3.99 12.73
CA GLU A 133 -8.50 -2.77 13.49
C GLU A 133 -7.88 -1.69 12.62
N ALA A 134 -6.98 -2.09 11.74
CA ALA A 134 -6.42 -1.15 10.76
C ALA A 134 -7.53 -0.55 9.90
N ALA A 136 -10.92 -0.34 10.64
CA ALA A 136 -11.70 0.54 11.51
C ALA A 136 -11.03 1.91 11.65
N HIS A 137 -9.71 1.91 11.84
CA HIS A 137 -8.97 3.16 12.01
C HIS A 137 -9.00 4.02 10.74
N TYR A 138 -8.81 3.43 9.56
CA TYR A 138 -8.95 4.18 8.31
C TYR A 138 -10.38 4.73 8.20
N LYS A 139 -11.35 3.88 8.50
CA LYS A 139 -12.77 4.26 8.38
C LYS A 139 -13.10 5.43 9.31
N LEU A 140 -12.74 5.32 10.58
CA LEU A 140 -12.89 6.43 11.52
C LEU A 140 -12.16 7.70 11.10
N GLY A 141 -10.98 7.54 10.50
CA GLY A 141 -10.25 8.68 9.95
C GLY A 141 -11.01 9.41 8.86
N GLU A 142 -11.54 8.64 7.90
CA GLU A 142 -12.41 9.20 6.83
C GLU A 142 -13.63 9.96 7.36
N PHE A 143 -14.30 9.41 8.37
CA PHE A 143 -15.39 10.14 9.04
C PHE A 143 -14.92 11.47 9.62
N ALA A 144 -13.85 11.43 10.41
CA ALA A 144 -13.30 12.65 11.03
C ALA A 144 -12.96 13.71 9.98
N HIS A 145 -12.34 13.27 8.90
CA HIS A 145 -11.97 14.18 7.84
C HIS A 145 -13.17 14.81 7.17
N TYR A 146 -14.23 14.02 6.97
CA TYR A 146 -15.44 14.58 6.37
C TYR A 146 -16.13 15.55 7.33
N GLN A 147 -16.10 15.22 8.62
CA GLN A 147 -16.73 16.08 9.62
C GLN A 147 -16.02 17.44 9.72
N ASP A 148 -14.69 17.43 9.65
CA ASP A 148 -13.88 18.64 9.63
C ASP A 148 -14.19 19.53 8.43
N THR A 149 -14.57 18.92 7.30
CA THR A 149 -15.00 19.71 6.14
C THR A 149 -16.35 20.36 6.40
N LEU A 151 -17.40 21.39 9.22
CA LEU A 151 -17.15 22.44 10.21
C LEU A 151 -16.83 23.77 9.51
N ASP A 152 -15.90 23.72 8.57
CA ASP A 152 -15.52 24.90 7.84
C ASP A 152 -16.72 25.55 7.19
N VAL A 154 -19.75 25.45 8.22
CA VAL A 154 -20.44 26.13 9.29
C VAL A 154 -19.79 27.46 9.62
N GLU A 155 -18.47 27.50 9.63
CA GLU A 155 -17.82 28.73 9.98
C GLU A 155 -18.22 29.77 8.95
N ARG A 156 -18.30 29.40 7.69
CA ARG A 156 -18.84 30.34 6.75
C ARG A 156 -20.29 30.01 6.42
N TYR B 2 -25.58 6.16 -16.44
CA TYR B 2 -24.24 6.74 -16.43
C TYR B 2 -23.91 7.43 -17.72
N LYS B 3 -23.53 8.71 -17.64
CA LYS B 3 -23.00 9.41 -18.79
C LYS B 3 -21.61 9.91 -18.40
N VAL B 4 -20.66 9.85 -19.32
CA VAL B 4 -19.32 10.38 -19.06
C VAL B 4 -19.41 11.85 -18.63
N PRO B 5 -18.79 12.20 -17.51
CA PRO B 5 -18.87 13.60 -17.05
C PRO B 5 -18.07 14.58 -17.92
N LYS B 6 -18.46 15.85 -17.84
CA LYS B 6 -17.97 16.89 -18.73
C LYS B 6 -16.51 17.24 -18.44
N GLY B 7 -15.70 17.25 -19.50
CA GLY B 7 -14.26 17.58 -19.38
C GLY B 7 -13.89 19.05 -19.08
N LEU B 8 -12.61 19.26 -18.75
CA LEU B 8 -11.98 20.60 -18.73
C LEU B 8 -12.09 21.20 -20.14
N GLU B 9 -11.90 20.33 -21.12
CA GLU B 9 -12.01 20.65 -22.53
C GLU B 9 -13.38 21.23 -22.88
N HIS B 10 -14.43 20.60 -22.36
CA HIS B 10 -15.81 21.04 -22.58
C HIS B 10 -16.03 22.46 -22.10
N TYR B 11 -15.55 22.78 -20.91
CA TYR B 11 -15.73 24.12 -20.34
C TYR B 11 -14.90 25.19 -21.05
N GLN B 12 -13.74 24.83 -21.58
CA GLN B 12 -12.93 25.80 -22.31
C GLN B 12 -13.53 26.21 -23.66
N LYS B 13 -14.35 25.35 -24.26
CA LYS B 13 -15.09 25.76 -25.46
C LYS B 13 -16.08 26.86 -25.10
N PHE B 15 -15.66 29.16 -22.41
CA PHE B 15 -15.04 30.36 -21.81
C PHE B 15 -13.90 30.99 -22.61
N GLN B 16 -13.29 30.25 -23.52
CA GLN B 16 -12.26 30.81 -24.42
C GLN B 16 -12.90 31.35 -25.70
N LYS B 17 -13.70 32.39 -25.52
CA LYS B 17 -14.33 33.13 -26.63
C LYS B 17 -14.97 34.38 -26.03
N GLU B 18 -15.79 35.10 -26.78
CA GLU B 18 -16.50 36.24 -26.21
C GLU B 18 -17.47 35.68 -25.17
N VAL B 19 -17.45 36.24 -23.97
CA VAL B 19 -18.45 35.92 -22.96
C VAL B 19 -18.92 37.21 -22.29
N THR B 20 -20.17 37.57 -22.54
CA THR B 20 -20.72 38.83 -22.05
C THR B 20 -21.11 38.74 -20.58
N VAL B 21 -21.59 39.86 -20.05
CA VAL B 21 -22.06 39.93 -18.69
C VAL B 21 -23.33 39.09 -18.53
N ASN B 22 -24.30 39.36 -19.39
CA ASN B 22 -25.53 38.59 -19.37
C ASN B 22 -25.26 37.08 -19.48
N ASP B 23 -24.25 36.70 -20.27
CA ASP B 23 -23.85 35.29 -20.39
C ASP B 23 -23.40 34.77 -19.01
N LEU B 24 -22.61 35.56 -18.30
CA LEU B 24 -22.04 35.11 -17.04
C LEU B 24 -23.09 35.03 -15.93
N LYS B 25 -24.13 35.86 -16.01
CA LYS B 25 -25.25 35.77 -15.08
C LYS B 25 -25.97 34.44 -15.32
N LYS B 26 -26.21 34.12 -16.58
CA LYS B 26 -26.85 32.86 -16.92
C LYS B 26 -26.02 31.63 -16.50
N TYR B 27 -24.69 31.72 -16.56
CA TYR B 27 -23.86 30.60 -16.11
C TYR B 27 -23.85 30.48 -14.59
N LEU B 28 -23.72 31.62 -13.92
CA LEU B 28 -23.62 31.64 -12.46
C LEU B 28 -24.91 31.17 -11.82
N ILE B 29 -26.04 31.54 -12.40
CA ILE B 29 -27.33 31.08 -11.90
C ILE B 29 -27.52 29.66 -12.35
N GLY B 30 -27.62 29.48 -13.67
CA GLY B 30 -27.69 28.13 -14.27
C GLY B 30 -29.06 27.49 -14.27
N SER B 31 -30.11 28.29 -14.15
CA SER B 31 -31.49 27.78 -14.21
C SER B 31 -31.87 27.32 -15.62
N ASP B 32 -31.22 27.91 -16.62
CA ASP B 32 -31.29 27.45 -18.03
C ASP B 32 -30.30 26.30 -18.21
N LYS B 33 -30.74 25.23 -18.87
CA LYS B 33 -29.97 23.99 -18.95
C LYS B 33 -28.75 24.10 -19.86
N GLU B 34 -28.83 24.93 -20.90
CA GLU B 34 -27.68 25.15 -21.79
C GLU B 34 -26.52 25.86 -21.08
N TYR B 35 -26.83 26.68 -20.07
CA TYR B 35 -25.82 27.41 -19.30
C TYR B 35 -25.50 26.81 -17.92
N ARG B 36 -25.87 25.55 -17.69
CA ARG B 36 -25.75 24.97 -16.34
C ARG B 36 -24.44 24.21 -16.21
N ILE B 37 -23.74 24.44 -15.12
CA ILE B 37 -22.44 23.83 -14.88
C ILE B 37 -22.40 23.29 -13.45
N THR B 38 -22.27 21.96 -13.32
CA THR B 38 -22.25 21.30 -12.01
C THR B 38 -21.54 19.98 -12.08
N ARG B 39 -21.20 19.47 -10.90
CA ARG B 39 -20.70 18.10 -10.75
C ARG B 39 -21.75 17.28 -10.00
N ARG B 40 -21.62 15.95 -10.09
CA ARG B 40 -22.50 15.01 -9.42
C ARG B 40 -22.81 15.34 -7.96
N ASP B 41 -21.79 15.60 -7.16
CA ASP B 41 -22.01 15.78 -5.72
C ASP B 41 -22.26 17.23 -5.31
N SER B 42 -22.63 18.10 -6.25
CA SER B 42 -23.03 19.46 -5.92
C SER B 42 -24.47 19.51 -5.37
N TYR B 43 -24.70 20.42 -4.44
CA TYR B 43 -26.00 20.65 -3.84
C TYR B 43 -26.89 21.42 -4.81
N GLY B 45 -28.88 20.01 -7.93
CA GLY B 45 -28.46 19.61 -9.28
C GLY B 45 -29.15 20.32 -10.45
N ASP B 46 -30.08 21.22 -10.13
CA ASP B 46 -30.82 22.02 -11.12
C ASP B 46 -30.36 23.50 -11.19
N ILE B 47 -29.24 23.80 -10.55
CA ILE B 47 -28.56 25.10 -10.72
C ILE B 47 -27.05 24.88 -10.82
N SER B 48 -26.32 25.90 -11.24
CA SER B 48 -24.86 25.79 -11.37
C SER B 48 -24.15 25.85 -10.02
N ASP B 49 -22.91 25.38 -10.02
CA ASP B 49 -22.01 25.42 -8.88
C ASP B 49 -20.82 26.34 -9.26
N PRO B 50 -20.79 27.56 -8.69
CA PRO B 50 -19.77 28.55 -9.04
C PRO B 50 -18.35 28.05 -8.88
N GLU B 51 -18.14 27.17 -7.91
CA GLU B 51 -16.83 26.56 -7.66
C GLU B 51 -16.33 25.77 -8.87
N VAL B 52 -17.22 25.00 -9.48
CA VAL B 52 -16.86 24.30 -10.70
C VAL B 52 -16.62 25.30 -11.83
N ILE B 53 -17.43 26.35 -11.89
CA ILE B 53 -17.30 27.37 -12.90
C ILE B 53 -15.95 28.08 -12.79
N LEU B 54 -15.62 28.51 -11.58
CA LEU B 54 -14.34 29.17 -11.33
C LEU B 54 -13.15 28.26 -11.57
N GLU B 55 -13.20 27.06 -11.00
CA GLU B 55 -12.03 26.17 -11.01
C GLU B 55 -11.72 25.52 -12.36
N TYR B 56 -12.75 25.13 -13.11
CA TYR B 56 -12.56 24.44 -14.39
C TYR B 56 -12.82 25.34 -15.58
N GLY B 57 -13.51 26.46 -15.36
CA GLY B 57 -13.98 27.31 -16.43
C GLY B 57 -13.24 28.65 -16.51
N VAL B 58 -13.44 29.51 -15.52
CA VAL B 58 -12.97 30.89 -15.61
C VAL B 58 -11.45 30.99 -15.47
N TYR B 59 -10.87 30.34 -14.46
CA TYR B 59 -9.43 30.47 -14.18
C TYR B 59 -8.54 29.91 -15.28
N PRO B 60 -8.86 28.72 -15.82
CA PRO B 60 -8.02 28.26 -16.91
C PRO B 60 -8.06 29.19 -18.13
N ALA B 61 -9.21 29.80 -18.38
CA ALA B 61 -9.41 30.65 -19.55
C ALA B 61 -8.72 31.99 -19.37
N PHE B 62 -8.74 32.47 -18.13
CA PHE B 62 -8.20 33.76 -17.80
C PHE B 62 -6.68 33.71 -17.97
N ILE B 63 -6.07 32.66 -17.45
CA ILE B 63 -4.64 32.44 -17.61
C ILE B 63 -4.19 32.37 -19.07
N LYS B 64 -5.02 31.83 -19.96
CA LYS B 64 -4.67 31.81 -21.38
C LYS B 64 -4.90 33.14 -22.08
N GLY B 65 -5.42 34.13 -21.33
CA GLY B 65 -5.47 35.51 -21.80
C GLY B 65 -6.81 36.21 -21.85
N TYR B 66 -7.91 35.52 -21.51
CA TYR B 66 -9.24 36.15 -21.56
C TYR B 66 -9.49 36.97 -20.31
N THR B 67 -8.77 38.08 -20.17
CA THR B 67 -8.76 38.83 -18.92
C THR B 67 -10.04 39.62 -18.66
N GLN B 68 -10.95 39.65 -19.62
CA GLN B 68 -12.20 40.40 -19.48
C GLN B 68 -13.18 39.67 -18.58
N LEU B 69 -12.97 38.37 -18.41
CA LEU B 69 -13.73 37.56 -17.45
C LEU B 69 -13.74 38.15 -16.04
N LYS B 70 -12.62 38.72 -15.61
CA LYS B 70 -12.54 39.36 -14.28
C LYS B 70 -13.52 40.52 -14.14
N ALA B 71 -13.45 41.49 -15.05
CA ALA B 71 -14.32 42.66 -14.95
C ALA B 71 -15.78 42.29 -15.24
N ASN B 72 -16.00 41.44 -16.24
CA ASN B 72 -17.36 41.00 -16.59
C ASN B 72 -18.04 40.18 -15.48
N ILE B 73 -17.27 39.34 -14.79
CA ILE B 73 -17.82 38.57 -13.67
C ILE B 73 -18.30 39.52 -12.60
N GLU B 74 -17.45 40.48 -12.26
CA GLU B 74 -17.77 41.46 -11.24
C GLU B 74 -19.07 42.18 -11.61
N GLU B 75 -19.17 42.63 -12.86
CA GLU B 75 -20.42 43.26 -13.28
C GLU B 75 -21.56 42.26 -13.05
N ALA B 76 -21.38 41.02 -13.48
CA ALA B 76 -22.40 39.98 -13.30
C ALA B 76 -22.84 39.90 -11.84
N LEU B 77 -21.86 39.77 -10.96
CA LEU B 77 -22.15 39.62 -9.53
C LEU B 77 -22.87 40.82 -8.96
N LEU B 78 -22.54 42.01 -9.45
CA LEU B 78 -23.18 43.22 -8.98
C LEU B 78 -24.66 43.25 -9.38
N GLU B 79 -24.98 42.93 -10.63
CA GLU B 79 -26.38 42.96 -11.06
C GLU B 79 -27.23 41.90 -10.32
N SER B 81 -26.57 40.95 -7.26
CA SER B 81 -26.70 41.48 -5.91
C SER B 81 -27.87 42.46 -5.75
N ASN B 82 -28.40 42.96 -6.86
CA ASN B 82 -29.43 44.00 -6.87
C ASN B 82 -30.75 43.58 -7.50
N SER B 83 -30.88 42.32 -7.85
CA SER B 83 -32.08 41.83 -8.52
C SER B 83 -33.31 41.77 -7.59
N GLY B 84 -33.07 41.67 -6.29
CA GLY B 84 -34.15 41.38 -5.34
C GLY B 84 -34.80 40.03 -5.62
N GLN B 85 -34.00 39.11 -6.17
CA GLN B 85 -34.42 37.75 -6.43
C GLN B 85 -33.59 36.86 -5.55
N ALA B 86 -34.27 35.94 -4.86
CA ALA B 86 -33.64 35.12 -3.84
C ALA B 86 -32.47 34.30 -4.38
N LEU B 87 -32.69 33.63 -5.50
CA LEU B 87 -31.69 32.72 -6.05
C LEU B 87 -30.45 33.48 -6.47
N ASP B 88 -30.65 34.53 -7.26
CA ASP B 88 -29.54 35.39 -7.70
C ASP B 88 -28.62 35.77 -6.55
N ILE B 89 -29.21 36.26 -5.46
CA ILE B 89 -28.45 36.68 -4.29
C ILE B 89 -27.67 35.51 -3.69
N TYR B 90 -28.35 34.40 -3.46
CA TYR B 90 -27.70 33.18 -2.96
C TYR B 90 -26.49 32.85 -3.82
N GLN B 91 -26.72 32.88 -5.13
CA GLN B 91 -25.72 32.45 -6.07
C GLN B 91 -24.52 33.42 -6.11
N ALA B 92 -24.76 34.69 -5.83
CA ALA B 92 -23.69 35.68 -5.71
C ALA B 92 -22.84 35.43 -4.47
N VAL B 93 -23.50 35.05 -3.36
CA VAL B 93 -22.81 34.74 -2.11
C VAL B 93 -21.96 33.49 -2.30
N GLN B 94 -22.52 32.49 -2.99
CA GLN B 94 -21.83 31.24 -3.23
C GLN B 94 -20.59 31.39 -4.11
N THR B 95 -20.64 32.29 -5.09
CA THR B 95 -19.45 32.58 -5.87
C THR B 95 -18.34 33.15 -4.97
N LEU B 96 -18.69 34.08 -4.08
CA LEU B 96 -17.69 34.61 -3.13
C LEU B 96 -17.12 33.52 -2.22
N ASN B 97 -17.98 32.62 -1.74
CA ASN B 97 -17.56 31.47 -0.94
C ASN B 97 -16.69 30.54 -1.73
N ALA B 98 -17.06 30.31 -2.99
CA ALA B 98 -16.22 29.54 -3.89
C ALA B 98 -14.79 30.10 -3.98
N GLU B 99 -14.67 31.40 -4.23
CA GLU B 99 -13.34 32.07 -4.30
C GLU B 99 -12.53 31.77 -3.04
N ASN B 100 -13.11 32.05 -1.88
CA ASN B 100 -12.45 31.83 -0.59
C ASN B 100 -12.02 30.37 -0.43
N LEU B 102 -11.57 28.09 -2.84
CA LEU B 102 -10.51 27.79 -3.79
C LEU B 102 -9.20 28.46 -3.35
N LEU B 103 -9.29 29.67 -2.78
CA LEU B 103 -8.10 30.33 -2.21
C LEU B 103 -7.51 29.49 -1.10
N ASN B 104 -8.38 29.01 -0.21
CA ASN B 104 -7.97 28.13 0.88
C ASN B 104 -7.15 26.92 0.44
N TYR B 105 -7.55 26.25 -0.63
CA TYR B 105 -6.83 25.05 -1.04
C TYR B 105 -5.61 25.33 -1.94
N TYR B 106 -5.73 26.29 -2.84
CA TYR B 106 -4.64 26.53 -3.80
C TYR B 106 -3.56 27.50 -3.29
N GLU B 107 -3.90 28.35 -2.33
CA GLU B 107 -2.95 29.30 -1.68
C GLU B 107 -2.69 30.59 -2.45
N SER B 108 -3.12 30.64 -3.71
CA SER B 108 -3.07 31.85 -4.54
C SER B 108 -3.93 31.58 -5.74
N LEU B 109 -4.61 32.60 -6.23
CA LEU B 109 -5.43 32.50 -7.44
C LEU B 109 -4.90 33.40 -8.56
N PRO B 110 -5.32 33.14 -9.81
CA PRO B 110 -4.92 34.00 -10.92
C PRO B 110 -5.33 35.44 -10.68
N PHE B 111 -6.55 35.64 -10.20
CA PHE B 111 -7.01 36.95 -9.86
C PHE B 111 -7.99 36.91 -8.68
N TYR B 112 -8.26 38.08 -8.09
CA TYR B 112 -9.18 38.19 -6.96
C TYR B 112 -10.26 39.17 -7.32
N LEU B 113 -11.50 38.85 -6.95
CA LEU B 113 -12.62 39.70 -7.30
C LEU B 113 -12.65 40.97 -6.46
N ASN B 114 -13.23 42.04 -7.00
CA ASN B 114 -13.56 43.23 -6.21
C ASN B 114 -14.89 43.00 -5.56
N ARG B 115 -14.87 42.53 -4.31
CA ARG B 115 -16.12 42.18 -3.61
C ARG B 115 -16.76 43.36 -2.88
N GLN B 116 -16.02 44.45 -2.71
CA GLN B 116 -16.44 45.56 -1.86
C GLN B 116 -17.88 45.98 -2.13
N SER B 117 -18.14 46.43 -3.36
CA SER B 117 -19.47 46.88 -3.75
C SER B 117 -20.51 45.75 -3.67
N ILE B 118 -20.10 44.55 -4.06
CA ILE B 118 -20.99 43.39 -4.08
C ILE B 118 -21.48 43.01 -2.67
N LEU B 119 -20.54 42.86 -1.75
CA LEU B 119 -20.88 42.52 -0.37
C LEU B 119 -21.87 43.50 0.26
N ALA B 120 -21.74 44.78 -0.08
CA ALA B 120 -22.63 45.81 0.44
C ALA B 120 -24.02 45.72 -0.18
N ASN B 121 -24.09 45.34 -1.46
CA ASN B 121 -25.38 45.08 -2.11
C ASN B 121 -26.10 43.84 -1.58
N ILE B 122 -25.33 42.95 -0.93
CA ILE B 122 -25.91 41.77 -0.30
C ILE B 122 -26.59 42.20 1.00
N THR B 123 -25.83 42.87 1.85
CA THR B 123 -26.34 43.42 3.12
C THR B 123 -27.65 44.19 2.97
N LYS B 124 -27.73 45.03 1.95
CA LYS B 124 -28.98 45.76 1.64
C LYS B 124 -30.13 44.80 1.32
N ALA B 125 -29.84 43.72 0.62
CA ALA B 125 -30.83 42.71 0.24
C ALA B 125 -31.29 41.88 1.44
N LEU B 126 -30.35 41.50 2.31
CA LEU B 126 -30.64 40.71 3.51
C LEU B 126 -31.63 41.43 4.44
N LYS B 127 -31.65 42.77 4.39
CA LYS B 127 -32.61 43.56 5.16
C LYS B 127 -34.04 43.08 4.91
N ASP B 128 -34.43 42.91 3.64
CA ASP B 128 -35.76 42.41 3.32
C ASP B 128 -35.95 41.01 3.94
N ALA B 129 -37.14 40.77 4.49
CA ALA B 129 -37.41 39.57 5.29
C ALA B 129 -37.44 38.32 4.44
N HIS B 130 -38.26 38.37 3.38
CA HIS B 130 -38.39 37.26 2.44
C HIS B 130 -37.02 36.71 2.09
N ILE B 131 -36.14 37.61 1.67
CA ILE B 131 -34.79 37.24 1.21
C ILE B 131 -33.90 36.70 2.33
N ARG B 132 -34.00 37.26 3.54
CA ARG B 132 -33.27 36.72 4.68
C ARG B 132 -33.67 35.25 4.91
N GLU B 133 -34.98 35.00 4.99
CA GLU B 133 -35.48 33.64 5.24
C GLU B 133 -35.14 32.68 4.08
N ALA B 134 -35.16 33.17 2.85
CA ALA B 134 -34.87 32.33 1.68
C ALA B 134 -33.44 31.81 1.69
N ALA B 136 -31.59 31.40 4.57
CA ALA B 136 -31.62 30.45 5.67
C ALA B 136 -32.07 29.07 5.20
N HIS B 137 -33.09 29.05 4.37
CA HIS B 137 -33.62 27.80 3.86
C HIS B 137 -32.65 27.11 2.91
N TYR B 138 -31.98 27.89 2.05
CA TYR B 138 -30.96 27.34 1.15
C TYR B 138 -29.80 26.74 1.92
N LYS B 139 -29.37 27.44 2.97
CA LYS B 139 -28.21 27.03 3.76
C LYS B 139 -28.52 25.76 4.53
N LEU B 140 -29.75 25.67 5.03
CA LEU B 140 -30.15 24.53 5.84
C LEU B 140 -30.19 23.24 4.99
N GLY B 141 -30.66 23.35 3.75
CA GLY B 141 -30.67 22.22 2.81
C GLY B 141 -29.27 21.76 2.41
N GLU B 142 -28.32 22.71 2.37
CA GLU B 142 -26.92 22.40 2.08
C GLU B 142 -26.36 21.53 3.19
N PHE B 143 -26.55 21.97 4.43
CA PHE B 143 -26.12 21.18 5.58
C PHE B 143 -26.73 19.77 5.51
N ALA B 144 -28.02 19.70 5.20
CA ALA B 144 -28.73 18.45 5.05
C ALA B 144 -28.13 17.61 3.94
N HIS B 145 -27.69 18.28 2.86
CA HIS B 145 -26.98 17.60 1.77
C HIS B 145 -25.71 16.88 2.22
N TYR B 146 -24.90 17.52 3.05
CA TYR B 146 -23.69 16.89 3.59
C TYR B 146 -24.02 15.71 4.51
N GLN B 147 -25.09 15.85 5.30
CA GLN B 147 -25.56 14.77 6.19
C GLN B 147 -25.98 13.51 5.41
N ASP B 148 -26.63 13.70 4.26
CA ASP B 148 -27.01 12.58 3.40
C ASP B 148 -25.79 11.74 3.04
N THR B 149 -24.71 12.42 2.64
CA THR B 149 -23.47 11.74 2.29
C THR B 149 -22.93 10.99 3.50
N LEU B 151 -24.61 9.89 6.13
CA LEU B 151 -25.47 8.75 6.52
C LEU B 151 -25.14 7.57 5.63
N ASP B 152 -24.89 7.86 4.35
CA ASP B 152 -24.54 6.81 3.40
C ASP B 152 -23.25 6.09 3.79
N VAL B 154 -22.16 5.74 6.87
CA VAL B 154 -22.46 4.88 8.01
C VAL B 154 -23.08 3.59 7.51
N GLU B 155 -23.91 3.71 6.48
CA GLU B 155 -24.59 2.53 5.90
C GLU B 155 -23.59 1.55 5.27
N ARG B 156 -22.63 2.06 4.50
CA ARG B 156 -21.57 1.20 3.96
C ARG B 156 -20.71 0.60 5.07
N THR B 157 -20.53 1.30 6.19
CA THR B 157 -19.78 0.76 7.31
C THR B 157 -20.51 -0.41 8.00
N ILE B 158 -21.80 -0.22 8.32
CA ILE B 158 -22.60 -1.34 8.83
C ILE B 158 -22.54 -2.49 7.84
N GLU B 159 -22.63 -2.18 6.54
CA GLU B 159 -22.58 -3.20 5.52
C GLU B 159 -21.29 -4.01 5.56
N THR B 160 -20.15 -3.32 5.57
CA THR B 160 -18.87 -4.02 5.53
C THR B 160 -18.58 -4.83 6.78
N PHE B 161 -18.80 -4.24 7.96
CA PHE B 161 -18.41 -4.89 9.21
C PHE B 161 -19.48 -5.81 9.83
N PHE B 162 -20.74 -5.72 9.39
CA PHE B 162 -21.83 -6.47 10.05
C PHE B 162 -22.61 -7.30 9.04
N ARG B 163 -23.41 -6.63 8.24
CA ARG B 163 -24.33 -7.28 7.31
C ARG B 163 -23.63 -8.23 6.33
N SER B 164 -22.70 -7.73 5.53
CA SER B 164 -21.99 -8.59 4.57
C SER B 164 -21.13 -9.63 5.29
N PHE B 165 -20.51 -9.25 6.41
CA PHE B 165 -19.65 -10.17 7.17
C PHE B 165 -20.42 -11.42 7.60
N LEU B 166 -21.51 -11.21 8.35
CA LEU B 166 -22.37 -12.33 8.79
C LEU B 166 -22.89 -13.16 7.62
N GLU B 167 -23.22 -12.52 6.52
CA GLU B 167 -23.71 -13.22 5.33
C GLU B 167 -22.66 -14.14 4.72
N GLN B 168 -21.45 -13.62 4.53
CA GLN B 168 -20.37 -14.40 3.93
C GLN B 168 -19.91 -15.52 4.87
N LYS B 169 -19.89 -15.27 6.18
CA LYS B 169 -19.55 -16.32 7.16
C LYS B 169 -20.52 -17.51 7.09
N LEU B 170 -21.78 -17.25 6.74
CA LEU B 170 -22.74 -18.33 6.48
C LEU B 170 -22.49 -19.06 5.16
N ILE B 171 -22.19 -18.33 4.10
CA ILE B 171 -21.86 -18.95 2.82
C ILE B 171 -20.63 -19.84 3.00
N SER B 172 -19.61 -19.32 3.69
CA SER B 172 -18.44 -20.11 4.06
C SER B 172 -18.88 -21.41 4.72
N GLU B 173 -19.60 -21.29 5.83
CA GLU B 173 -20.10 -22.45 6.56
C GLU B 173 -21.13 -23.25 5.76
N TYR C 2 29.77 -12.75 -5.48
CA TYR C 2 28.44 -12.25 -5.18
C TYR C 2 27.50 -12.60 -6.34
N LYS C 3 26.44 -13.35 -6.03
CA LYS C 3 25.36 -13.57 -6.97
C LYS C 3 24.10 -12.92 -6.39
N VAL C 4 23.37 -12.20 -7.23
CA VAL C 4 22.10 -11.61 -6.83
C VAL C 4 21.17 -12.75 -6.42
N PRO C 5 20.55 -12.65 -5.25
CA PRO C 5 19.70 -13.73 -4.73
C PRO C 5 18.35 -13.89 -5.44
N LYS C 6 17.69 -15.01 -5.15
CA LYS C 6 16.47 -15.42 -5.84
C LYS C 6 15.25 -14.60 -5.40
N GLY C 7 14.48 -14.10 -6.36
CA GLY C 7 13.26 -13.32 -6.09
C GLY C 7 12.06 -14.21 -5.83
N LEU C 8 10.89 -13.61 -5.62
CA LEU C 8 9.66 -14.38 -5.42
C LEU C 8 9.28 -15.07 -6.73
N GLU C 9 9.43 -14.33 -7.84
CA GLU C 9 9.16 -14.87 -9.18
C GLU C 9 9.89 -16.21 -9.40
N HIS C 10 11.12 -16.30 -8.88
CA HIS C 10 11.87 -17.55 -8.92
C HIS C 10 11.06 -18.72 -8.35
N TYR C 11 10.34 -18.49 -7.25
CA TYR C 11 9.50 -19.53 -6.65
C TYR C 11 8.14 -19.60 -7.34
N GLN C 12 7.66 -18.47 -7.86
CA GLN C 12 6.42 -18.43 -8.61
C GLN C 12 6.49 -19.28 -9.89
N LYS C 13 7.56 -19.11 -10.66
CA LYS C 13 7.78 -19.91 -11.87
C LYS C 13 7.86 -21.40 -11.52
N PHE C 15 6.17 -22.90 -8.69
CA PHE C 15 4.98 -23.45 -8.03
C PHE C 15 3.62 -23.05 -8.63
N GLN C 16 3.63 -22.14 -9.61
CA GLN C 16 2.41 -21.81 -10.36
C GLN C 16 2.24 -22.69 -11.60
N LYS C 17 3.13 -23.65 -11.78
CA LYS C 17 2.95 -24.68 -12.80
C LYS C 17 1.98 -25.75 -12.27
N GLU C 18 1.81 -26.81 -13.05
CA GLU C 18 1.25 -28.03 -12.54
C GLU C 18 2.33 -28.62 -11.63
N VAL C 19 2.01 -28.82 -10.36
CA VAL C 19 2.95 -29.43 -9.41
C VAL C 19 2.41 -30.81 -9.04
N THR C 20 3.18 -31.84 -9.36
CA THR C 20 2.72 -33.22 -9.17
C THR C 20 2.95 -33.64 -7.71
N VAL C 21 2.42 -34.81 -7.33
CA VAL C 21 2.56 -35.30 -5.95
C VAL C 21 4.00 -35.76 -5.66
N ASN C 22 4.63 -36.42 -6.64
CA ASN C 22 6.03 -36.83 -6.53
C ASN C 22 7.00 -35.68 -6.84
N ASP C 23 6.44 -34.52 -7.18
CA ASP C 23 7.24 -33.30 -7.34
C ASP C 23 7.36 -32.66 -5.97
N LEU C 24 6.22 -32.55 -5.28
CA LEU C 24 6.21 -32.05 -3.93
C LEU C 24 7.15 -32.90 -3.06
N LYS C 25 6.93 -34.21 -3.05
CA LYS C 25 7.78 -35.13 -2.29
C LYS C 25 9.24 -34.85 -2.54
N LYS C 26 9.63 -34.73 -3.81
CA LYS C 26 11.02 -34.42 -4.17
C LYS C 26 11.49 -33.08 -3.60
N TYR C 27 10.60 -32.09 -3.57
CA TYR C 27 10.93 -30.75 -3.05
C TYR C 27 11.04 -30.74 -1.52
N LEU C 28 10.09 -31.37 -0.83
CA LEU C 28 10.08 -31.40 0.62
C LEU C 28 11.21 -32.24 1.24
N ILE C 29 11.86 -33.08 0.44
CA ILE C 29 13.02 -33.86 0.89
C ILE C 29 14.29 -33.16 0.44
N GLY C 30 14.41 -32.95 -0.87
CA GLY C 30 15.52 -32.20 -1.45
C GLY C 30 16.86 -32.91 -1.43
N SER C 31 16.86 -34.22 -1.64
CA SER C 31 18.10 -34.97 -1.85
C SER C 31 18.74 -34.50 -3.16
N ASP C 32 17.99 -34.62 -4.25
CA ASP C 32 18.46 -34.23 -5.57
C ASP C 32 18.52 -32.72 -5.69
N LYS C 33 19.71 -32.20 -5.99
CA LYS C 33 19.95 -30.75 -6.06
C LYS C 33 19.01 -30.00 -6.99
N GLU C 34 18.29 -30.73 -7.86
CA GLU C 34 17.35 -30.10 -8.80
C GLU C 34 16.10 -29.59 -8.06
N TYR C 35 15.63 -30.37 -7.10
CA TYR C 35 14.43 -30.02 -6.34
C TYR C 35 14.72 -29.81 -4.86
N ARG C 36 15.64 -28.89 -4.53
CA ARG C 36 15.87 -28.52 -3.12
C ARG C 36 16.00 -27.01 -2.92
N ILE C 37 15.46 -26.53 -1.80
CA ILE C 37 15.45 -25.11 -1.47
C ILE C 37 15.71 -24.94 0.03
N THR C 38 16.60 -24.02 0.37
CA THR C 38 16.98 -23.76 1.75
C THR C 38 17.36 -22.30 1.96
N ARG C 39 17.48 -21.90 3.23
CA ARG C 39 18.07 -20.61 3.59
C ARG C 39 19.60 -20.73 3.55
N ARG C 40 20.28 -19.57 3.64
CA ARG C 40 21.71 -19.46 3.34
C ARG C 40 22.67 -20.32 4.19
N ASP C 41 22.25 -20.70 5.39
CA ASP C 41 23.09 -21.56 6.24
C ASP C 41 22.25 -22.37 7.23
N SER C 42 21.39 -23.25 6.69
CA SER C 42 20.54 -24.11 7.51
C SER C 42 21.29 -25.34 7.98
N TYR C 43 20.65 -26.08 8.89
CA TYR C 43 21.27 -27.19 9.61
C TYR C 43 22.02 -28.18 8.71
N GLY C 45 21.58 -28.54 4.92
CA GLY C 45 22.00 -27.84 3.71
C GLY C 45 21.96 -28.69 2.45
N ASP C 46 22.22 -29.99 2.62
CA ASP C 46 22.05 -30.98 1.56
C ASP C 46 20.57 -31.35 1.43
N ILE C 47 19.85 -31.38 2.56
CA ILE C 47 18.40 -31.56 2.59
C ILE C 47 17.69 -30.21 2.40
N SER C 48 16.37 -30.27 2.22
CA SER C 48 15.58 -29.07 1.90
C SER C 48 14.96 -28.50 3.17
N ASP C 49 14.45 -27.28 3.05
CA ASP C 49 13.94 -26.53 4.20
C ASP C 49 12.46 -26.12 4.00
N PRO C 50 11.52 -26.92 4.53
CA PRO C 50 10.10 -26.71 4.22
C PRO C 50 9.52 -25.33 4.62
N GLU C 51 10.08 -24.69 5.65
CA GLU C 51 9.69 -23.32 6.01
C GLU C 51 9.75 -22.41 4.79
N VAL C 52 10.83 -22.49 4.03
CA VAL C 52 10.99 -21.69 2.83
C VAL C 52 9.99 -22.11 1.76
N ILE C 53 9.84 -23.42 1.57
CA ILE C 53 8.92 -23.95 0.57
C ILE C 53 7.51 -23.37 0.78
N LEU C 54 7.04 -23.38 2.01
CA LEU C 54 5.69 -22.91 2.34
C LEU C 54 5.56 -21.40 2.25
N GLU C 55 6.48 -20.67 2.86
CA GLU C 55 6.37 -19.22 2.98
C GLU C 55 6.62 -18.49 1.67
N TYR C 56 7.46 -19.07 0.81
CA TYR C 56 7.87 -18.42 -0.42
C TYR C 56 7.31 -19.07 -1.67
N GLY C 57 6.86 -20.32 -1.55
CA GLY C 57 6.49 -21.12 -2.70
C GLY C 57 5.01 -21.45 -2.72
N VAL C 58 4.63 -22.42 -1.88
CA VAL C 58 3.26 -22.92 -1.85
C VAL C 58 2.24 -21.83 -1.53
N TYR C 59 2.33 -21.25 -0.34
CA TYR C 59 1.30 -20.33 0.11
C TYR C 59 1.01 -19.19 -0.87
N PRO C 60 2.06 -18.53 -1.41
CA PRO C 60 1.79 -17.50 -2.42
C PRO C 60 1.12 -18.06 -3.69
N ALA C 61 1.53 -19.26 -4.10
CA ALA C 61 0.89 -19.94 -5.23
C ALA C 61 -0.57 -20.19 -4.91
N PHE C 62 -0.85 -20.63 -3.69
CA PHE C 62 -2.22 -20.91 -3.25
C PHE C 62 -3.09 -19.67 -3.35
N ILE C 63 -2.67 -18.60 -2.70
CA ILE C 63 -3.38 -17.32 -2.73
C ILE C 63 -3.79 -16.89 -4.15
N LYS C 64 -3.10 -17.43 -5.17
CA LYS C 64 -3.35 -17.08 -6.57
C LYS C 64 -4.16 -18.16 -7.32
N GLY C 65 -4.87 -19.01 -6.58
CA GLY C 65 -5.69 -20.05 -7.19
C GLY C 65 -4.93 -21.27 -7.69
N TYR C 66 -4.07 -21.83 -6.83
CA TYR C 66 -3.47 -23.13 -7.11
C TYR C 66 -3.78 -24.06 -5.95
N THR C 67 -5.07 -24.33 -5.80
CA THR C 67 -5.60 -25.05 -4.65
C THR C 67 -5.28 -26.53 -4.66
N GLN C 68 -4.76 -27.04 -5.78
CA GLN C 68 -4.34 -28.44 -5.88
C GLN C 68 -3.12 -28.74 -5.02
N LEU C 69 -2.33 -27.70 -4.73
CA LEU C 69 -1.16 -27.82 -3.87
C LEU C 69 -1.52 -28.32 -2.45
N LYS C 70 -2.65 -27.84 -1.91
CA LYS C 70 -3.11 -28.26 -0.60
C LYS C 70 -3.28 -29.77 -0.54
N ALA C 71 -4.02 -30.32 -1.50
CA ALA C 71 -4.27 -31.75 -1.56
C ALA C 71 -3.01 -32.55 -1.90
N ASN C 72 -2.26 -32.09 -2.89
CA ASN C 72 -1.10 -32.83 -3.39
C ASN C 72 0.13 -32.84 -2.47
N ILE C 73 0.18 -31.90 -1.52
CA ILE C 73 1.21 -31.95 -0.48
C ILE C 73 0.86 -32.99 0.59
N GLU C 74 -0.42 -33.09 0.92
CA GLU C 74 -0.89 -34.02 1.95
C GLU C 74 -0.64 -35.50 1.62
N GLU C 75 -0.96 -35.90 0.40
CA GLU C 75 -0.73 -37.29 -0.05
C GLU C 75 0.76 -37.57 -0.22
N ALA C 76 1.54 -36.51 -0.44
CA ALA C 76 2.99 -36.60 -0.44
C ALA C 76 3.55 -36.64 1.00
N LEU C 77 2.81 -36.08 1.96
CA LEU C 77 3.17 -36.19 3.37
C LEU C 77 2.79 -37.55 3.95
N LEU C 78 1.67 -38.11 3.52
CA LEU C 78 1.27 -39.46 3.95
C LEU C 78 2.31 -40.50 3.51
N GLU C 79 2.57 -40.57 2.20
CA GLU C 79 3.61 -41.43 1.65
C GLU C 79 4.96 -41.21 2.34
N SER C 81 5.27 -40.04 5.45
CA SER C 81 5.09 -40.52 6.83
C SER C 81 5.24 -42.04 6.95
N ASN C 82 4.43 -42.77 6.21
CA ASN C 82 4.59 -44.22 6.14
C ASN C 82 5.52 -44.63 4.98
N SER C 83 6.62 -43.89 4.82
CA SER C 83 7.66 -44.24 3.84
C SER C 83 8.58 -45.31 4.38
N GLY C 84 8.75 -45.34 5.71
CA GLY C 84 9.68 -46.24 6.35
C GLY C 84 11.15 -45.85 6.22
N GLN C 85 11.44 -44.79 5.45
CA GLN C 85 12.80 -44.26 5.33
C GLN C 85 12.98 -43.10 6.32
N ALA C 86 14.13 -43.08 7.01
CA ALA C 86 14.38 -42.16 8.13
C ALA C 86 14.38 -40.67 7.74
N LEU C 87 15.23 -40.29 6.79
CA LEU C 87 15.30 -38.92 6.32
C LEU C 87 13.94 -38.44 5.79
N ASP C 88 13.20 -39.34 5.16
CA ASP C 88 11.89 -39.01 4.61
C ASP C 88 10.92 -38.63 5.74
N ILE C 89 10.85 -39.48 6.77
CA ILE C 89 9.94 -39.26 7.90
C ILE C 89 10.33 -38.05 8.76
N TYR C 90 11.60 -37.65 8.70
CA TYR C 90 12.06 -36.47 9.41
C TYR C 90 11.43 -35.22 8.79
N GLN C 91 11.57 -35.08 7.48
CA GLN C 91 11.11 -33.91 6.75
C GLN C 91 9.60 -33.73 6.84
N ALA C 92 8.88 -34.85 6.94
CA ALA C 92 7.45 -34.82 7.22
C ALA C 92 7.19 -33.99 8.47
N VAL C 93 7.91 -34.30 9.54
CA VAL C 93 7.69 -33.65 10.83
C VAL C 93 8.25 -32.23 10.85
N GLN C 94 9.32 -32.00 10.10
CA GLN C 94 9.89 -30.67 9.94
C GLN C 94 8.95 -29.75 9.15
N THR C 95 8.16 -30.32 8.24
CA THR C 95 7.12 -29.55 7.55
C THR C 95 6.02 -29.14 8.55
N LEU C 96 5.49 -30.10 9.29
CA LEU C 96 4.45 -29.81 10.28
C LEU C 96 4.91 -28.78 11.31
N ASN C 97 6.22 -28.79 11.59
CA ASN C 97 6.84 -27.84 12.51
C ASN C 97 6.81 -26.44 11.91
N ALA C 98 7.05 -26.39 10.60
CA ALA C 98 7.02 -25.14 9.86
C ALA C 98 5.61 -24.55 9.82
N GLU C 99 4.62 -25.37 9.55
CA GLU C 99 3.24 -24.89 9.58
C GLU C 99 2.99 -24.22 10.93
N ASN C 100 3.36 -24.87 12.02
CA ASN C 100 3.23 -24.28 13.35
C ASN C 100 4.00 -22.97 13.51
N LEU C 102 5.04 -20.88 11.21
CA LEU C 102 4.44 -19.87 10.35
C LEU C 102 3.12 -19.41 10.93
N LEU C 103 2.34 -20.36 11.43
CA LEU C 103 1.06 -20.08 12.08
C LEU C 103 1.29 -19.23 13.31
N ASN C 104 2.36 -19.53 14.03
CA ASN C 104 2.73 -18.76 15.20
C ASN C 104 3.02 -17.30 14.83
N TYR C 105 3.81 -17.09 13.78
CA TYR C 105 4.20 -15.73 13.38
C TYR C 105 3.07 -14.97 12.67
N TYR C 106 2.43 -15.62 11.70
CA TYR C 106 1.41 -14.97 10.88
C TYR C 106 0.02 -14.98 11.52
N GLU C 107 -0.16 -15.78 12.57
CA GLU C 107 -1.44 -15.88 13.30
C GLU C 107 -2.59 -16.49 12.48
N SER C 108 -2.37 -16.71 11.19
CA SER C 108 -3.42 -17.24 10.32
C SER C 108 -2.79 -17.62 8.97
N LEU C 109 -3.01 -18.86 8.53
CA LEU C 109 -2.42 -19.37 7.28
C LEU C 109 -3.50 -19.52 6.19
N PRO C 110 -3.11 -19.37 4.91
CA PRO C 110 -4.11 -19.50 3.85
C PRO C 110 -4.82 -20.85 3.87
N PHE C 111 -4.13 -21.89 4.35
CA PHE C 111 -4.77 -23.16 4.67
C PHE C 111 -4.02 -23.92 5.76
N TYR C 112 -4.57 -25.06 6.17
CA TYR C 112 -4.01 -25.88 7.24
C TYR C 112 -3.99 -27.35 6.80
N LEU C 113 -2.83 -27.98 6.91
CA LEU C 113 -2.67 -29.37 6.47
C LEU C 113 -3.29 -30.32 7.50
N ASN C 114 -3.84 -31.45 7.02
CA ASN C 114 -4.39 -32.50 7.91
C ASN C 114 -3.31 -33.13 8.82
N ARG C 115 -3.07 -32.48 9.95
CA ARG C 115 -1.94 -32.81 10.85
C ARG C 115 -2.28 -33.93 11.83
N GLN C 116 -3.44 -33.82 12.48
CA GLN C 116 -3.94 -34.83 13.41
C GLN C 116 -4.35 -36.14 12.71
N SER C 117 -4.33 -36.14 11.37
CA SER C 117 -4.49 -37.37 10.58
C SER C 117 -3.14 -38.06 10.33
N ILE C 118 -2.09 -37.24 10.09
CA ILE C 118 -0.74 -37.76 9.78
C ILE C 118 0.15 -37.91 11.02
N LEU C 119 -0.21 -37.25 12.12
CA LEU C 119 0.52 -37.36 13.39
C LEU C 119 0.40 -38.76 13.99
N ALA C 120 -0.68 -39.47 13.66
CA ALA C 120 -0.87 -40.86 14.09
C ALA C 120 -0.11 -41.85 13.21
N ASN C 121 0.30 -41.40 12.02
CA ASN C 121 1.12 -42.22 11.11
C ASN C 121 2.60 -42.18 11.52
N ILE C 122 3.02 -41.01 12.00
CA ILE C 122 4.36 -40.84 12.55
C ILE C 122 4.44 -41.44 13.95
N THR C 123 3.42 -41.19 14.77
CA THR C 123 3.35 -41.73 16.13
C THR C 123 3.36 -43.26 16.13
N LYS C 124 2.86 -43.87 15.05
CA LYS C 124 2.93 -45.32 14.86
C LYS C 124 4.35 -45.84 14.64
N ALA C 125 5.27 -44.95 14.26
CA ALA C 125 6.68 -45.32 14.05
C ALA C 125 7.57 -44.93 15.23
N LEU C 126 6.94 -44.63 16.37
CA LEU C 126 7.67 -44.37 17.63
C LEU C 126 8.35 -45.65 18.17
N LYS C 127 7.80 -46.81 17.82
CA LYS C 127 8.35 -48.10 18.24
C LYS C 127 9.67 -48.43 17.54
N ASP C 128 9.61 -48.57 16.22
CA ASP C 128 10.77 -48.98 15.42
C ASP C 128 12.08 -48.29 15.84
N ALA C 129 13.04 -49.09 16.30
CA ALA C 129 14.39 -48.60 16.55
C ALA C 129 15.07 -48.26 15.23
N HIS C 130 14.71 -49.00 14.18
CA HIS C 130 15.16 -48.72 12.82
C HIS C 130 15.21 -47.23 12.50
N ILE C 131 14.25 -46.49 13.05
CA ILE C 131 14.05 -45.07 12.75
C ILE C 131 14.17 -44.15 13.98
N ARG C 132 13.67 -44.60 15.14
CA ARG C 132 13.70 -43.81 16.38
C ARG C 132 15.10 -43.27 16.72
N GLU C 133 16.12 -44.09 16.44
CA GLU C 133 17.51 -43.69 16.68
C GLU C 133 17.91 -42.54 15.76
N ALA C 134 17.68 -42.73 14.47
CA ALA C 134 17.96 -41.72 13.45
C ALA C 134 17.30 -40.36 13.75
N ALA C 136 16.64 -39.14 16.90
CA ALA C 136 17.53 -38.52 17.89
C ALA C 136 18.78 -37.96 17.21
N HIS C 137 19.34 -38.71 16.26
CA HIS C 137 20.56 -38.28 15.55
C HIS C 137 20.36 -36.94 14.87
N TYR C 138 19.31 -36.86 14.06
CA TYR C 138 19.00 -35.62 13.33
C TYR C 138 18.59 -34.49 14.30
N LYS C 139 17.79 -34.81 15.31
CA LYS C 139 17.34 -33.81 16.28
C LYS C 139 18.52 -33.30 17.11
N LEU C 140 19.32 -34.21 17.65
CA LEU C 140 20.52 -33.82 18.41
C LEU C 140 21.45 -32.97 17.56
N GLY C 141 21.60 -33.32 16.29
CA GLY C 141 22.45 -32.56 15.37
C GLY C 141 21.90 -31.19 14.99
N GLU C 142 20.58 -31.02 15.04
CA GLU C 142 19.98 -29.70 14.83
C GLU C 142 20.41 -28.77 15.97
N PHE C 143 20.27 -29.26 17.20
CA PHE C 143 20.64 -28.52 18.41
C PHE C 143 22.11 -28.08 18.40
N ALA C 144 23.01 -28.98 17.97
CA ALA C 144 24.45 -28.66 17.87
C ALA C 144 24.73 -27.59 16.83
N HIS C 145 23.89 -27.52 15.80
CA HIS C 145 24.02 -26.50 14.76
C HIS C 145 23.64 -25.08 15.23
N TYR C 146 22.65 -24.97 16.12
CA TYR C 146 22.39 -23.69 16.79
C TYR C 146 23.60 -23.33 17.65
N GLN C 147 23.95 -24.26 18.54
CA GLN C 147 25.13 -24.19 19.39
C GLN C 147 26.34 -23.66 18.63
N ASP C 148 26.57 -24.23 17.46
CA ASP C 148 27.72 -23.87 16.65
C ASP C 148 27.63 -22.44 16.13
N THR C 149 26.44 -22.03 15.69
CA THR C 149 26.19 -20.67 15.22
C THR C 149 26.52 -19.67 16.33
N LEU C 151 28.41 -20.01 18.99
CA LEU C 151 29.85 -19.97 19.22
C LEU C 151 30.53 -19.10 18.19
N ASP C 152 30.13 -19.31 16.93
CA ASP C 152 30.65 -18.53 15.83
C ASP C 152 30.37 -17.04 15.99
N VAL C 154 30.08 -15.45 18.87
CA VAL C 154 31.00 -15.01 19.91
C VAL C 154 32.34 -14.77 19.25
N GLU C 155 32.79 -15.74 18.45
CA GLU C 155 34.06 -15.63 17.75
C GLU C 155 34.15 -14.40 16.85
N ARG C 156 33.14 -14.21 16.01
CA ARG C 156 33.13 -13.08 15.05
C ARG C 156 33.12 -11.72 15.75
N THR C 157 32.36 -11.61 16.84
CA THR C 157 32.28 -10.39 17.66
C THR C 157 33.64 -10.01 18.24
N ILE C 158 34.38 -11.01 18.72
CA ILE C 158 35.73 -10.80 19.25
C ILE C 158 36.67 -10.37 18.11
N GLU C 159 36.70 -11.16 17.04
CA GLU C 159 37.54 -10.86 15.88
C GLU C 159 37.25 -9.47 15.33
N THR C 160 35.97 -9.11 15.28
CA THR C 160 35.60 -7.83 14.69
C THR C 160 36.11 -6.70 15.53
N PHE C 161 36.02 -6.81 16.84
CA PHE C 161 36.54 -5.74 17.66
C PHE C 161 38.07 -5.63 17.59
N PHE C 162 38.76 -6.77 17.55
CA PHE C 162 40.22 -6.77 17.42
C PHE C 162 40.63 -6.01 16.16
N ARG C 163 40.00 -6.38 15.07
CA ARG C 163 40.32 -5.88 13.77
C ARG C 163 40.03 -4.44 13.72
N SER C 164 38.87 -4.07 14.22
CA SER C 164 38.48 -2.70 14.27
C SER C 164 38.91 -2.10 15.59
N TYR D 2 -1.42 -14.32 7.28
CA TYR D 2 -0.39 -14.55 6.30
C TYR D 2 -0.46 -13.49 5.20
N LYS D 3 0.72 -13.18 4.69
CA LYS D 3 0.93 -12.15 3.70
C LYS D 3 2.22 -12.54 2.97
N VAL D 4 2.28 -12.29 1.66
CA VAL D 4 3.46 -12.69 0.89
C VAL D 4 4.66 -11.81 1.24
N PRO D 5 5.80 -12.44 1.59
CA PRO D 5 7.03 -11.70 1.92
C PRO D 5 7.51 -10.73 0.84
N LYS D 6 7.99 -9.57 1.26
CA LYS D 6 8.65 -8.63 0.36
C LYS D 6 10.01 -9.21 -0.03
N GLY D 7 10.31 -9.19 -1.33
CA GLY D 7 11.55 -9.80 -1.84
C GLY D 7 12.32 -8.88 -2.78
N LEU D 8 13.18 -9.49 -3.60
CA LEU D 8 14.11 -8.76 -4.47
C LEU D 8 13.41 -7.71 -5.32
N GLU D 9 12.32 -8.14 -5.96
CA GLU D 9 11.59 -7.28 -6.90
C GLU D 9 11.05 -6.05 -6.18
N HIS D 10 10.47 -6.28 -5.00
CA HIS D 10 9.98 -5.19 -4.17
C HIS D 10 11.08 -4.20 -3.81
N TYR D 11 12.25 -4.70 -3.40
CA TYR D 11 13.38 -3.81 -3.07
C TYR D 11 14.02 -3.14 -4.31
N GLN D 12 13.95 -3.82 -5.46
CA GLN D 12 14.51 -3.27 -6.70
C GLN D 12 13.82 -1.95 -7.06
N LYS D 13 12.50 -1.92 -6.96
CA LYS D 13 11.73 -0.70 -7.21
C LYS D 13 12.24 0.49 -6.35
N PHE D 15 15.38 0.92 -5.12
CA PHE D 15 16.77 1.31 -5.35
C PHE D 15 17.14 1.51 -6.81
N GLN D 16 16.26 1.10 -7.74
CA GLN D 16 16.50 1.35 -9.16
C GLN D 16 15.80 2.64 -9.57
N LYS D 17 16.36 3.76 -9.11
CA LYS D 17 15.76 5.07 -9.23
C LYS D 17 16.68 6.08 -8.56
N GLU D 18 16.33 7.37 -8.61
CA GLU D 18 17.14 8.40 -7.95
C GLU D 18 16.98 8.27 -6.42
N VAL D 19 18.11 8.08 -5.73
CA VAL D 19 18.15 7.93 -4.28
C VAL D 19 19.18 8.89 -3.70
N THR D 20 18.74 9.80 -2.83
CA THR D 20 19.66 10.77 -2.24
C THR D 20 20.46 10.18 -1.09
N VAL D 21 21.43 10.96 -0.62
CA VAL D 21 22.17 10.64 0.58
C VAL D 21 21.21 10.57 1.75
N ASN D 22 20.39 11.62 1.87
CA ASN D 22 19.39 11.67 2.93
C ASN D 22 18.46 10.47 2.90
N ASP D 23 18.06 10.01 1.72
CA ASP D 23 17.21 8.83 1.66
C ASP D 23 17.95 7.61 2.23
N LEU D 24 19.22 7.44 1.87
CA LEU D 24 19.98 6.26 2.30
C LEU D 24 20.17 6.25 3.83
N LYS D 25 20.38 7.42 4.42
CA LYS D 25 20.37 7.56 5.89
C LYS D 25 19.06 7.04 6.48
N LYS D 26 17.94 7.45 5.89
CA LYS D 26 16.63 7.04 6.37
C LYS D 26 16.44 5.51 6.24
N TYR D 27 16.95 4.94 5.16
CA TYR D 27 16.89 3.50 4.96
C TYR D 27 17.83 2.76 5.94
N LEU D 28 19.05 3.28 6.12
CA LEU D 28 20.04 2.58 6.93
C LEU D 28 19.62 2.53 8.42
N ILE D 29 19.05 3.62 8.93
CA ILE D 29 18.49 3.63 10.30
C ILE D 29 17.15 2.88 10.43
N GLY D 30 16.16 3.32 9.65
CA GLY D 30 14.84 2.68 9.66
C GLY D 30 13.94 3.05 10.83
N SER D 31 14.24 4.18 11.48
CA SER D 31 13.32 4.78 12.44
C SER D 31 11.94 4.94 11.79
N ASP D 32 11.92 5.72 10.70
CA ASP D 32 10.71 5.94 9.92
C ASP D 32 10.23 4.67 9.25
N LYS D 33 9.04 4.19 9.64
CA LYS D 33 8.50 2.95 9.09
C LYS D 33 8.48 2.88 7.57
N GLU D 34 8.37 4.03 6.90
CA GLU D 34 8.35 4.06 5.44
C GLU D 34 9.67 3.59 4.83
N TYR D 35 10.78 3.85 5.54
CA TYR D 35 12.13 3.51 5.09
C TYR D 35 12.72 2.30 5.83
N ARG D 36 11.90 1.50 6.49
CA ARG D 36 12.39 0.40 7.31
C ARG D 36 12.43 -0.93 6.53
N ILE D 37 13.63 -1.49 6.40
CA ILE D 37 13.88 -2.75 5.71
C ILE D 37 14.46 -3.77 6.71
N THR D 38 13.71 -4.84 6.95
CA THR D 38 14.12 -5.87 7.90
C THR D 38 13.61 -7.23 7.45
N ARG D 39 14.19 -8.26 8.05
CA ARG D 39 13.71 -9.63 7.87
C ARG D 39 12.64 -9.92 8.91
N ARG D 40 11.96 -11.06 8.74
CA ARG D 40 10.89 -11.50 9.63
C ARG D 40 11.38 -11.68 11.06
N ASP D 41 12.31 -12.61 11.24
CA ASP D 41 12.85 -12.92 12.56
C ASP D 41 14.08 -12.04 12.71
N SER D 42 13.90 -10.89 13.36
CA SER D 42 14.91 -9.84 13.34
C SER D 42 15.07 -9.13 14.67
N TYR D 43 16.33 -8.93 15.03
CA TYR D 43 16.69 -8.30 16.28
C TYR D 43 16.51 -6.80 16.13
N GLY D 45 13.44 -5.08 15.60
CA GLY D 45 12.51 -4.87 14.49
C GLY D 45 12.13 -3.43 14.21
N ASP D 46 12.06 -2.58 15.24
CA ASP D 46 11.77 -1.16 15.05
C ASP D 46 12.83 -0.38 14.24
N ILE D 47 13.71 -1.10 13.55
CA ILE D 47 14.95 -0.55 12.99
C ILE D 47 15.40 -1.39 11.82
N SER D 48 16.09 -0.77 10.86
CA SER D 48 16.50 -1.49 9.66
C SER D 48 17.59 -2.52 9.92
N ASP D 49 17.75 -3.45 8.99
CA ASP D 49 18.77 -4.48 9.00
C ASP D 49 19.64 -4.30 7.77
N PRO D 50 20.76 -3.57 7.90
CA PRO D 50 21.61 -3.22 6.77
C PRO D 50 22.05 -4.38 5.87
N GLU D 51 22.20 -5.58 6.42
CA GLU D 51 22.53 -6.74 5.60
C GLU D 51 21.49 -7.00 4.50
N VAL D 52 20.21 -6.83 4.81
CA VAL D 52 19.17 -7.01 3.81
C VAL D 52 19.21 -5.90 2.76
N ILE D 53 19.46 -4.67 3.21
CA ILE D 53 19.55 -3.53 2.31
C ILE D 53 20.64 -3.75 1.26
N LEU D 54 21.84 -4.13 1.70
CA LEU D 54 22.95 -4.40 0.81
C LEU D 54 22.66 -5.55 -0.13
N GLU D 55 22.33 -6.69 0.44
CA GLU D 55 22.22 -7.93 -0.31
C GLU D 55 21.02 -7.97 -1.25
N TYR D 56 19.91 -7.37 -0.85
CA TYR D 56 18.69 -7.41 -1.66
C TYR D 56 18.38 -6.10 -2.32
N GLY D 57 19.05 -5.03 -1.92
CA GLY D 57 18.68 -3.71 -2.37
C GLY D 57 19.74 -3.02 -3.19
N VAL D 58 20.82 -2.64 -2.53
CA VAL D 58 21.81 -1.77 -3.16
C VAL D 58 22.72 -2.49 -4.15
N TYR D 59 23.16 -3.71 -3.81
CA TYR D 59 24.08 -4.44 -4.68
C TYR D 59 23.42 -4.73 -6.03
N PRO D 60 22.22 -5.33 -6.02
CA PRO D 60 21.55 -5.60 -7.29
C PRO D 60 21.29 -4.33 -8.09
N ALA D 61 20.98 -3.24 -7.42
CA ALA D 61 20.79 -1.98 -8.11
C ALA D 61 22.10 -1.58 -8.79
N PHE D 62 23.17 -1.56 -8.02
CA PHE D 62 24.47 -1.10 -8.51
C PHE D 62 24.85 -1.83 -9.78
N ILE D 63 24.72 -3.16 -9.75
CA ILE D 63 25.07 -4.01 -10.86
C ILE D 63 24.36 -3.57 -12.14
N LYS D 64 23.11 -3.13 -12.02
CA LYS D 64 22.32 -2.66 -13.17
C LYS D 64 22.56 -1.19 -13.52
N GLY D 65 23.61 -0.60 -12.96
CA GLY D 65 24.07 0.71 -13.42
C GLY D 65 23.85 1.87 -12.47
N TYR D 66 23.15 1.65 -11.36
CA TYR D 66 22.86 2.77 -10.44
C TYR D 66 24.06 2.97 -9.51
N THR D 67 25.18 3.39 -10.10
CA THR D 67 26.47 3.37 -9.46
C THR D 67 26.72 4.56 -8.54
N GLN D 68 25.79 5.50 -8.48
CA GLN D 68 25.84 6.58 -7.49
C GLN D 68 25.55 6.07 -6.07
N LEU D 69 24.93 4.89 -5.98
CA LEU D 69 24.66 4.27 -4.69
C LEU D 69 25.92 4.15 -3.81
N LYS D 70 27.04 3.78 -4.43
CA LYS D 70 28.31 3.60 -3.73
C LYS D 70 28.79 4.86 -2.99
N ALA D 71 28.96 5.95 -3.72
CA ALA D 71 29.45 7.20 -3.13
C ALA D 71 28.43 7.82 -2.17
N ASN D 72 27.15 7.59 -2.44
CA ASN D 72 26.09 8.18 -1.62
C ASN D 72 25.90 7.39 -0.32
N ILE D 73 26.01 6.06 -0.39
CA ILE D 73 25.99 5.23 0.81
C ILE D 73 27.21 5.55 1.71
N GLU D 74 28.37 5.76 1.09
CA GLU D 74 29.56 6.16 1.83
C GLU D 74 29.30 7.48 2.53
N GLU D 75 28.70 8.42 1.81
CA GLU D 75 28.37 9.72 2.38
C GLU D 75 27.35 9.62 3.54
N ALA D 76 26.35 8.77 3.39
CA ALA D 76 25.35 8.57 4.42
C ALA D 76 26.00 8.01 5.69
N LEU D 77 26.79 6.95 5.54
CA LEU D 77 27.50 6.38 6.67
C LEU D 77 28.49 7.35 7.27
N LEU D 78 29.04 8.24 6.46
CA LEU D 78 29.99 9.22 6.98
C LEU D 78 29.28 10.17 7.93
N GLU D 79 28.07 10.60 7.55
CA GLU D 79 27.25 11.48 8.38
C GLU D 79 26.69 10.80 9.62
N SER D 81 27.96 8.09 11.20
CA SER D 81 29.12 7.88 12.07
C SER D 81 29.56 9.14 12.79
N ASN D 82 29.23 10.30 12.25
CA ASN D 82 29.60 11.57 12.83
C ASN D 82 28.47 12.27 13.59
N SER D 83 27.28 11.70 13.59
CA SER D 83 26.10 12.33 14.16
C SER D 83 26.16 12.58 15.67
N GLY D 84 26.88 11.74 16.40
CA GLY D 84 26.85 11.75 17.86
C GLY D 84 25.62 11.06 18.45
N GLN D 85 24.74 10.52 17.59
CA GLN D 85 23.55 9.77 18.02
C GLN D 85 23.86 8.28 18.07
N ALA D 86 23.58 7.65 19.20
CA ALA D 86 23.91 6.23 19.41
C ALA D 86 23.34 5.30 18.35
N LEU D 87 22.08 5.51 17.97
CA LEU D 87 21.46 4.65 16.97
C LEU D 87 22.06 4.83 15.59
N ASP D 88 22.50 6.04 15.24
CA ASP D 88 23.09 6.29 13.90
C ASP D 88 24.44 5.59 13.79
N ILE D 89 25.27 5.81 14.80
CA ILE D 89 26.55 5.14 14.97
C ILE D 89 26.40 3.61 14.95
N TYR D 90 25.53 3.08 15.80
CA TYR D 90 25.33 1.63 15.92
C TYR D 90 24.94 1.01 14.58
N GLN D 91 24.10 1.73 13.87
CA GLN D 91 23.60 1.30 12.59
C GLN D 91 24.70 1.48 11.52
N ALA D 92 25.65 2.39 11.75
CA ALA D 92 26.82 2.51 10.88
C ALA D 92 27.72 1.30 11.06
N VAL D 93 27.90 0.90 12.32
CA VAL D 93 28.67 -0.28 12.65
C VAL D 93 28.07 -1.56 12.04
N GLN D 94 26.74 -1.71 12.08
CA GLN D 94 26.10 -2.92 11.56
C GLN D 94 26.20 -2.98 10.04
N THR D 95 26.31 -1.82 9.41
CA THR D 95 26.44 -1.77 7.98
C THR D 95 27.83 -2.29 7.55
N LEU D 96 28.88 -1.83 8.22
CA LEU D 96 30.23 -2.36 8.00
C LEU D 96 30.33 -3.85 8.34
N ASN D 97 29.68 -4.28 9.42
CA ASN D 97 29.72 -5.69 9.79
C ASN D 97 28.98 -6.52 8.75
N ALA D 98 27.90 -5.98 8.22
CA ALA D 98 27.13 -6.65 7.18
C ALA D 98 27.97 -6.86 5.90
N GLU D 99 28.76 -5.85 5.54
CA GLU D 99 29.68 -5.98 4.43
C GLU D 99 30.68 -7.13 4.66
N ASN D 100 31.30 -7.16 5.86
CA ASN D 100 32.22 -8.24 6.20
C ASN D 100 31.53 -9.59 6.03
N LEU D 102 28.85 -10.49 4.24
CA LEU D 102 28.58 -10.84 2.86
C LEU D 102 29.89 -11.22 2.13
N LEU D 103 30.96 -10.49 2.43
CA LEU D 103 32.27 -10.77 1.82
C LEU D 103 32.72 -12.17 2.20
N ASN D 104 32.55 -12.53 3.47
CA ASN D 104 32.92 -13.85 3.93
C ASN D 104 32.18 -14.92 3.21
N TYR D 105 30.88 -14.70 2.98
CA TYR D 105 30.03 -15.70 2.36
C TYR D 105 30.24 -15.82 0.84
N TYR D 106 30.30 -14.68 0.15
CA TYR D 106 30.37 -14.63 -1.32
C TYR D 106 31.80 -14.54 -1.86
N GLU D 107 32.74 -14.16 -1.01
CA GLU D 107 34.17 -14.04 -1.34
C GLU D 107 34.47 -12.89 -2.29
N SER D 108 33.42 -12.20 -2.72
CA SER D 108 33.54 -11.12 -3.70
C SER D 108 32.27 -10.28 -3.64
N LEU D 109 32.40 -8.98 -3.85
CA LEU D 109 31.26 -8.07 -3.76
C LEU D 109 31.35 -7.05 -4.90
N PRO D 110 30.20 -6.56 -5.40
CA PRO D 110 30.21 -5.67 -6.57
C PRO D 110 31.04 -4.41 -6.35
N PHE D 111 31.10 -3.94 -5.10
CA PHE D 111 31.97 -2.84 -4.72
C PHE D 111 32.29 -2.89 -3.24
N TYR D 112 33.10 -1.94 -2.77
CA TYR D 112 33.53 -1.90 -1.37
C TYR D 112 33.52 -0.50 -0.84
N LEU D 113 33.13 -0.37 0.43
CA LEU D 113 32.99 0.93 1.05
C LEU D 113 34.34 1.52 1.41
N ASN D 114 34.54 2.79 1.08
CA ASN D 114 35.71 3.53 1.54
C ASN D 114 35.45 3.85 3.01
N ARG D 115 35.89 2.95 3.89
CA ARG D 115 35.45 2.94 5.27
C ARG D 115 36.46 3.45 6.30
N GLN D 116 37.69 3.75 5.86
CA GLN D 116 38.71 4.18 6.80
C GLN D 116 38.21 5.32 7.68
N SER D 117 37.68 6.38 7.07
CA SER D 117 37.25 7.57 7.80
C SER D 117 35.97 7.34 8.62
N ILE D 118 35.11 6.45 8.13
CA ILE D 118 33.93 6.02 8.87
C ILE D 118 34.34 5.38 10.19
N LEU D 119 35.27 4.42 10.14
CA LEU D 119 35.81 3.78 11.34
C LEU D 119 36.44 4.77 12.29
N ALA D 120 37.13 5.77 11.75
CA ALA D 120 37.81 6.76 12.59
C ALA D 120 36.80 7.59 13.38
N ASN D 121 35.63 7.85 12.81
CA ASN D 121 34.57 8.58 13.52
C ASN D 121 33.94 7.74 14.63
N ILE D 122 33.81 6.45 14.38
CA ILE D 122 33.23 5.53 15.37
C ILE D 122 34.20 5.38 16.53
N THR D 123 35.49 5.33 16.24
CA THR D 123 36.52 5.24 17.24
C THR D 123 36.55 6.49 18.13
N LYS D 124 36.32 7.66 17.52
CA LYS D 124 36.16 8.90 18.27
C LYS D 124 34.89 8.86 19.11
N ALA D 125 33.76 8.51 18.50
CA ALA D 125 32.48 8.44 19.23
C ALA D 125 32.56 7.52 20.46
N LEU D 126 33.34 6.43 20.34
CA LEU D 126 33.44 5.41 21.40
C LEU D 126 34.18 5.89 22.63
N LYS D 127 34.82 7.06 22.55
CA LYS D 127 35.40 7.70 23.73
C LYS D 127 34.34 8.21 24.69
N ASP D 128 33.12 8.45 24.20
CA ASP D 128 31.99 8.85 25.04
C ASP D 128 31.36 7.62 25.74
N ALA D 129 31.24 7.70 27.06
CA ALA D 129 30.70 6.60 27.85
C ALA D 129 29.33 6.12 27.33
N HIS D 130 28.46 7.05 26.95
CA HIS D 130 27.11 6.67 26.59
C HIS D 130 26.98 5.91 25.27
N ILE D 131 27.88 6.17 24.33
CA ILE D 131 27.85 5.45 23.06
C ILE D 131 28.35 4.02 23.29
N ARG D 132 29.45 3.93 24.03
CA ARG D 132 30.11 2.67 24.34
C ARG D 132 29.19 1.73 25.09
N GLU D 133 28.56 2.23 26.15
CA GLU D 133 27.70 1.38 26.96
C GLU D 133 26.44 0.96 26.20
N ALA D 134 25.94 1.86 25.34
CA ALA D 134 24.81 1.54 24.45
C ALA D 134 25.20 0.38 23.49
N ALA D 136 27.55 -1.88 23.86
CA ALA D 136 27.63 -3.08 24.70
C ALA D 136 26.28 -3.74 24.89
N HIS D 137 25.29 -2.95 25.29
CA HIS D 137 23.95 -3.45 25.54
C HIS D 137 23.28 -4.02 24.30
N TYR D 138 23.42 -3.33 23.15
CA TYR D 138 22.77 -3.80 21.92
C TYR D 138 23.36 -5.16 21.53
N LYS D 139 24.67 -5.30 21.68
CA LYS D 139 25.34 -6.55 21.35
C LYS D 139 24.95 -7.67 22.31
N LEU D 140 24.83 -7.38 23.59
CA LEU D 140 24.34 -8.39 24.53
C LEU D 140 22.94 -8.87 24.13
N GLY D 141 22.06 -7.91 23.78
CA GLY D 141 20.69 -8.25 23.37
C GLY D 141 20.62 -9.10 22.10
N GLU D 142 21.57 -8.96 21.19
CA GLU D 142 21.59 -9.80 19.99
C GLU D 142 21.80 -11.28 20.35
N PHE D 143 22.65 -11.55 21.33
CA PHE D 143 22.86 -12.90 21.83
C PHE D 143 21.62 -13.43 22.53
N ALA D 144 20.98 -12.60 23.34
CA ALA D 144 19.72 -13.01 24.01
C ALA D 144 18.64 -13.33 22.99
N HIS D 145 18.55 -12.50 21.96
CA HIS D 145 17.59 -12.73 20.87
C HIS D 145 17.82 -14.10 20.25
N TYR D 146 19.08 -14.46 20.04
CA TYR D 146 19.38 -15.77 19.47
C TYR D 146 19.10 -16.91 20.44
N GLN D 147 19.33 -16.68 21.74
CA GLN D 147 18.99 -17.70 22.72
C GLN D 147 17.47 -17.95 22.75
N ASP D 148 16.69 -16.89 22.61
CA ASP D 148 15.22 -17.02 22.48
C ASP D 148 14.81 -18.02 21.39
N THR D 149 15.50 -17.98 20.26
CA THR D 149 15.25 -18.89 19.14
C THR D 149 15.58 -20.34 19.50
N LEU D 151 15.60 -21.59 22.47
CA LEU D 151 14.67 -22.03 23.50
C LEU D 151 13.34 -22.47 22.86
N ASP D 152 12.89 -21.72 21.86
CA ASP D 152 11.69 -22.09 21.12
C ASP D 152 11.87 -23.46 20.43
N VAL D 154 13.95 -25.97 21.41
CA VAL D 154 13.88 -26.97 22.45
C VAL D 154 12.44 -27.24 22.88
N GLU D 155 11.64 -26.18 22.97
CA GLU D 155 10.23 -26.32 23.32
C GLU D 155 9.46 -27.17 22.30
N ARG D 156 9.63 -26.91 21.03
CA ARG D 156 8.90 -27.63 20.00
C ARG D 156 9.40 -29.05 19.89
N THR D 157 10.68 -29.25 20.12
CA THR D 157 11.26 -30.58 20.22
C THR D 157 10.71 -31.40 21.38
N ILE D 158 10.59 -30.79 22.52
CA ILE D 158 10.12 -31.52 23.66
C ILE D 158 8.83 -32.11 23.22
N GLU D 159 8.27 -31.57 22.16
CA GLU D 159 6.94 -31.99 21.69
C GLU D 159 6.97 -32.97 20.50
#